data_3SR0
#
_entry.id   3SR0
#
_cell.length_a   65.950
_cell.length_b   69.580
_cell.length_c   85.670
_cell.angle_alpha   90.00
_cell.angle_beta   90.00
_cell.angle_gamma   90.00
#
_symmetry.space_group_name_H-M   'P 21 21 21'
#
loop_
_entity.id
_entity.type
_entity.pdbx_description
1 polymer 'Adenylate kinase'
2 non-polymer "ADENOSINE-5'-DIPHOSPHATE"
3 non-polymer 'ADENOSINE MONOPHOSPHATE'
4 non-polymer 'MAGNESIUM ION'
5 non-polymer 'TETRAFLUOROALUMINATE ION'
6 water water
#
_entity_poly.entity_id   1
_entity_poly.type   'polypeptide(L)'
_entity_poly.pdbx_seq_one_letter_code
;MILVFLGPPGAGKGTQAKRLAKEKGFVHISTGDILREAVQKGTPLGKKAKEYMERGELVPDDLIIALIEEVFPKHGNVIF
DGFPRTVKQAEALDEMLEKKGLKVDHVLLFEVPDEVVIERLSGRRINPETGEVYHVKYNPPPPGVKVIQREDDKPEVIKK
RLEVYREQTAPLIEYYKKKGILRIIDASKPVEEVYRQVLEVIGDGN
;
_entity_poly.pdbx_strand_id   A,B
#
# COMPACT_ATOMS: atom_id res chain seq x y z
N MET A 1 4.97 -24.58 3.23
CA MET A 1 4.62 -23.22 2.71
C MET A 1 3.64 -22.53 3.67
N ILE A 2 3.96 -21.31 4.08
CA ILE A 2 3.07 -20.49 4.91
C ILE A 2 2.67 -19.23 4.15
N LEU A 3 1.36 -19.06 4.00
CA LEU A 3 0.78 -17.95 3.28
C LEU A 3 -0.04 -17.09 4.23
N VAL A 4 -0.04 -15.77 3.97
CA VAL A 4 -0.97 -14.85 4.61
C VAL A 4 -1.80 -14.24 3.49
N PHE A 5 -3.12 -14.24 3.66
CA PHE A 5 -4.02 -13.47 2.81
C PHE A 5 -4.43 -12.19 3.47
N LEU A 6 -4.23 -11.08 2.76
CA LEU A 6 -4.35 -9.74 3.27
C LEU A 6 -5.20 -8.90 2.30
N GLY A 7 -6.12 -8.10 2.81
CA GLY A 7 -6.90 -7.22 1.97
C GLY A 7 -8.15 -6.76 2.66
N PRO A 8 -8.89 -5.90 1.97
CA PRO A 8 -10.07 -5.32 2.61
C PRO A 8 -11.12 -6.37 2.87
N PRO A 9 -12.01 -6.09 3.81
CA PRO A 9 -13.15 -6.98 3.99
C PRO A 9 -13.88 -7.22 2.71
N GLY A 10 -14.28 -8.45 2.45
CA GLY A 10 -15.05 -8.76 1.26
C GLY A 10 -14.25 -8.96 -0.03
N ALA A 11 -12.92 -8.95 0.09
CA ALA A 11 -12.06 -9.09 -1.07
C ALA A 11 -12.12 -10.48 -1.71
N GLY A 12 -12.61 -11.44 -0.95
CA GLY A 12 -12.67 -12.80 -1.44
C GLY A 12 -11.63 -13.72 -0.83
N LYS A 13 -11.04 -13.29 0.28
CA LYS A 13 -9.96 -14.06 0.92
C LYS A 13 -10.40 -15.43 1.42
N GLY A 14 -11.53 -15.46 2.11
CA GLY A 14 -12.08 -16.73 2.55
C GLY A 14 -12.43 -17.67 1.42
N THR A 15 -13.03 -17.11 0.39
CA THR A 15 -13.44 -17.92 -0.76
C THR A 15 -12.25 -18.62 -1.39
N GLN A 16 -11.20 -17.86 -1.61
CA GLN A 16 -9.98 -18.41 -2.19
C GLN A 16 -9.24 -19.32 -1.24
N ALA A 17 -9.18 -18.96 0.04
CA ALA A 17 -8.48 -19.80 1.00
C ALA A 17 -9.13 -21.16 1.15
N LYS A 18 -10.45 -21.21 1.18
CA LYS A 18 -11.11 -22.52 1.33
C LYS A 18 -10.79 -23.43 0.17
N ARG A 19 -10.80 -22.88 -1.03
CA ARG A 19 -10.53 -23.72 -2.19
C ARG A 19 -9.09 -24.19 -2.20
N LEU A 20 -8.15 -23.27 -1.96
CA LEU A 20 -6.75 -23.62 -2.01
C LEU A 20 -6.46 -24.67 -0.97
N ALA A 21 -7.03 -24.51 0.21
CA ALA A 21 -6.78 -25.47 1.26
C ALA A 21 -7.27 -26.90 0.88
N LYS A 22 -8.43 -27.00 0.24
N LYS A 22 -8.44 -27.01 0.26
CA LYS A 22 -9.00 -28.32 -0.07
CA LYS A 22 -8.99 -28.32 -0.09
C LYS A 22 -8.32 -28.94 -1.28
C LYS A 22 -8.20 -28.93 -1.24
N GLU A 23 -7.91 -28.11 -2.25
CA GLU A 23 -7.29 -28.63 -3.45
C GLU A 23 -5.81 -28.98 -3.24
N LYS A 24 -5.15 -28.31 -2.30
CA LYS A 24 -3.71 -28.45 -2.16
C LYS A 24 -3.27 -28.83 -0.77
N GLY A 25 -4.21 -29.00 0.15
CA GLY A 25 -3.87 -29.57 1.44
C GLY A 25 -3.36 -28.64 2.51
N PHE A 26 -3.50 -27.34 2.31
CA PHE A 26 -3.14 -26.37 3.34
C PHE A 26 -4.12 -26.44 4.51
N VAL A 27 -3.61 -26.24 5.73
CA VAL A 27 -4.48 -25.94 6.86
C VAL A 27 -4.90 -24.49 6.76
N HIS A 28 -6.21 -24.26 6.81
CA HIS A 28 -6.80 -22.93 6.72
C HIS A 28 -7.13 -22.39 8.12
N ILE A 29 -6.47 -21.30 8.48
N ILE A 29 -6.47 -21.30 8.48
CA ILE A 29 -6.73 -20.61 9.73
CA ILE A 29 -6.71 -20.60 9.75
C ILE A 29 -7.33 -19.25 9.46
C ILE A 29 -7.33 -19.25 9.46
N SER A 30 -8.65 -19.18 9.67
CA SER A 30 -9.40 -17.95 9.53
C SER A 30 -9.73 -17.47 10.94
N THR A 31 -9.16 -16.34 11.34
CA THR A 31 -9.46 -15.81 12.64
C THR A 31 -10.95 -15.44 12.76
N GLY A 32 -11.55 -14.94 11.68
CA GLY A 32 -12.97 -14.66 11.71
C GLY A 32 -13.81 -15.90 11.96
N ASP A 33 -13.51 -16.98 11.27
CA ASP A 33 -14.28 -18.20 11.47
C ASP A 33 -14.09 -18.74 12.89
N ILE A 34 -12.87 -18.69 13.38
CA ILE A 34 -12.57 -19.22 14.69
C ILE A 34 -13.25 -18.40 15.77
N LEU A 35 -13.25 -17.08 15.59
CA LEU A 35 -13.87 -16.17 16.54
C LEU A 35 -15.39 -16.39 16.53
N ARG A 36 -15.98 -16.56 15.35
CA ARG A 36 -17.42 -16.77 15.31
C ARG A 36 -17.78 -18.08 16.00
N GLU A 37 -16.94 -19.11 15.87
CA GLU A 37 -17.14 -20.35 16.63
C GLU A 37 -17.07 -20.10 18.16
N ALA A 38 -16.07 -19.34 18.62
CA ALA A 38 -15.94 -19.03 20.05
C ALA A 38 -17.16 -18.29 20.57
N VAL A 39 -17.67 -17.35 19.77
CA VAL A 39 -18.86 -16.63 20.18
C VAL A 39 -20.02 -17.60 20.34
N GLN A 40 -20.17 -18.50 19.39
CA GLN A 40 -21.26 -19.46 19.48
C GLN A 40 -21.18 -20.32 20.74
N LYS A 41 -19.98 -20.77 21.05
CA LYS A 41 -19.73 -21.66 22.18
C LYS A 41 -19.74 -20.90 23.51
N GLY A 42 -19.64 -19.58 23.45
CA GLY A 42 -19.63 -18.76 24.65
C GLY A 42 -18.41 -18.96 25.52
N THR A 43 -17.25 -19.16 24.89
CA THR A 43 -16.01 -19.28 25.66
C THR A 43 -15.61 -17.88 26.17
N PRO A 44 -14.63 -17.80 27.08
CA PRO A 44 -14.16 -16.48 27.51
C PRO A 44 -13.76 -15.60 26.30
N LEU A 45 -13.10 -16.20 25.31
CA LEU A 45 -12.73 -15.44 24.12
C LEU A 45 -13.96 -14.94 23.37
N GLY A 46 -14.92 -15.83 23.20
CA GLY A 46 -16.10 -15.51 22.41
C GLY A 46 -16.90 -14.39 23.03
N LYS A 47 -17.11 -14.48 24.32
CA LYS A 47 -17.90 -13.47 25.02
C LYS A 47 -17.25 -12.09 24.95
N LYS A 48 -15.93 -12.05 25.02
CA LYS A 48 -15.23 -10.78 24.95
C LYS A 48 -15.19 -10.24 23.52
N ALA A 49 -15.04 -11.12 22.54
CA ALA A 49 -14.82 -10.68 21.16
C ALA A 49 -16.10 -10.15 20.54
N LYS A 50 -17.23 -10.68 21.00
CA LYS A 50 -18.51 -10.42 20.34
C LYS A 50 -18.80 -8.95 20.04
N GLU A 51 -18.70 -8.12 21.07
N GLU A 51 -18.65 -8.09 21.03
CA GLU A 51 -18.99 -6.69 20.97
CA GLU A 51 -19.08 -6.70 20.85
C GLU A 51 -18.17 -6.04 19.86
C GLU A 51 -18.13 -5.89 19.95
N TYR A 52 -16.87 -6.29 19.86
CA TYR A 52 -15.95 -5.69 18.90
C TYR A 52 -16.41 -6.06 17.51
N MET A 53 -16.66 -7.34 17.31
CA MET A 53 -17.06 -7.84 16.02
C MET A 53 -18.37 -7.21 15.53
N GLU A 54 -19.34 -7.09 16.42
CA GLU A 54 -20.63 -6.51 16.07
C GLU A 54 -20.53 -5.05 15.65
N ARG A 55 -19.58 -4.35 16.25
CA ARG A 55 -19.34 -2.93 15.94
C ARG A 55 -18.47 -2.75 14.68
N GLY A 56 -17.87 -3.82 14.17
CA GLY A 56 -16.96 -3.72 13.05
C GLY A 56 -15.55 -3.29 13.45
N GLU A 57 -15.25 -3.37 14.73
CA GLU A 57 -13.92 -3.08 15.25
C GLU A 57 -13.08 -4.35 15.28
N LEU A 58 -11.76 -4.19 15.37
CA LEU A 58 -10.93 -5.35 15.60
C LEU A 58 -11.00 -5.84 17.03
N VAL A 59 -10.93 -7.15 17.17
CA VAL A 59 -10.75 -7.77 18.50
C VAL A 59 -9.35 -7.45 18.99
N PRO A 60 -9.19 -7.20 20.32
CA PRO A 60 -7.89 -6.77 20.83
C PRO A 60 -6.74 -7.74 20.52
N ASP A 61 -5.56 -7.17 20.24
CA ASP A 61 -4.43 -7.93 19.76
C ASP A 61 -4.06 -9.12 20.66
N ASP A 62 -4.04 -8.91 21.96
CA ASP A 62 -3.56 -9.97 22.83
C ASP A 62 -4.42 -11.22 22.74
N LEU A 63 -5.72 -11.04 22.57
CA LEU A 63 -6.62 -12.17 22.39
C LEU A 63 -6.32 -12.93 21.11
N ILE A 64 -6.10 -12.20 20.02
CA ILE A 64 -5.82 -12.83 18.75
C ILE A 64 -4.47 -13.53 18.74
N ILE A 65 -3.47 -12.88 19.34
CA ILE A 65 -2.14 -13.49 19.42
C ILE A 65 -2.17 -14.81 20.20
N ALA A 66 -2.87 -14.84 21.33
CA ALA A 66 -3.03 -16.07 22.09
C ALA A 66 -3.74 -17.13 21.30
N LEU A 67 -4.81 -16.72 20.60
CA LEU A 67 -5.54 -17.66 19.77
C LEU A 67 -4.64 -18.32 18.77
N ILE A 68 -3.83 -17.51 18.07
CA ILE A 68 -2.95 -18.09 17.04
C ILE A 68 -1.85 -19.00 17.66
N GLU A 69 -1.29 -18.60 18.80
CA GLU A 69 -0.37 -19.47 19.54
C GLU A 69 -1.02 -20.82 19.84
N GLU A 70 -2.31 -20.82 20.16
CA GLU A 70 -3.02 -22.04 20.51
C GLU A 70 -3.33 -22.94 19.33
N VAL A 71 -3.59 -22.37 18.15
CA VAL A 71 -4.02 -23.19 17.00
C VAL A 71 -2.98 -23.36 15.88
N PHE A 72 -1.83 -22.72 16.00
N PHE A 72 -1.83 -22.76 16.06
CA PHE A 72 -0.90 -22.70 14.87
CA PHE A 72 -0.77 -22.81 15.08
C PHE A 72 -0.38 -24.09 14.61
C PHE A 72 -0.45 -24.24 14.67
N PRO A 73 -0.54 -24.57 13.37
CA PRO A 73 -0.17 -25.92 12.99
C PRO A 73 1.32 -26.12 13.12
N LYS A 74 1.68 -27.21 13.77
CA LYS A 74 3.07 -27.52 14.05
C LYS A 74 3.86 -27.76 12.74
N HIS A 75 3.29 -28.54 11.85
CA HIS A 75 3.91 -28.80 10.60
C HIS A 75 2.95 -28.68 9.44
N GLY A 76 3.52 -28.56 8.24
CA GLY A 76 2.73 -28.58 7.05
C GLY A 76 2.36 -27.19 6.59
N ASN A 77 1.62 -27.18 5.48
CA ASN A 77 1.26 -25.94 4.83
C ASN A 77 0.11 -25.25 5.54
N VAL A 78 0.19 -23.93 5.62
CA VAL A 78 -0.79 -23.09 6.34
C VAL A 78 -1.19 -21.84 5.55
N ILE A 79 -2.48 -21.55 5.49
CA ILE A 79 -2.97 -20.23 5.07
C ILE A 79 -3.58 -19.48 6.25
N PHE A 80 -2.95 -18.37 6.61
CA PHE A 80 -3.49 -17.43 7.60
C PHE A 80 -4.37 -16.47 6.82
N ASP A 81 -5.67 -16.57 7.08
CA ASP A 81 -6.70 -15.85 6.34
C ASP A 81 -7.34 -14.80 7.25
N GLY A 82 -6.97 -13.54 7.04
CA GLY A 82 -7.46 -12.43 7.85
C GLY A 82 -6.70 -12.26 9.15
N PHE A 83 -5.53 -12.90 9.21
CA PHE A 83 -4.54 -12.70 10.27
C PHE A 83 -3.18 -12.72 9.59
N PRO A 84 -2.27 -11.81 9.96
CA PRO A 84 -2.42 -10.68 10.90
C PRO A 84 -3.29 -9.56 10.34
N ARG A 85 -3.83 -8.76 11.26
N ARG A 85 -3.80 -8.73 11.24
CA ARG A 85 -4.67 -7.58 10.94
CA ARG A 85 -4.56 -7.55 10.82
C ARG A 85 -4.04 -6.26 11.42
C ARG A 85 -4.10 -6.25 11.50
N THR A 86 -3.01 -6.36 12.26
CA THR A 86 -2.32 -5.19 12.81
C THR A 86 -0.82 -5.44 12.77
N VAL A 87 -0.06 -4.35 12.88
CA VAL A 87 1.39 -4.49 12.94
C VAL A 87 1.84 -5.34 14.14
N LYS A 88 1.25 -5.08 15.30
N LYS A 88 1.26 -5.09 15.32
CA LYS A 88 1.56 -5.85 16.50
CA LYS A 88 1.65 -5.89 16.48
C LYS A 88 1.34 -7.37 16.26
C LYS A 88 1.35 -7.40 16.26
N GLN A 89 0.24 -7.70 15.60
CA GLN A 89 -0.06 -9.09 15.27
C GLN A 89 1.00 -9.67 14.35
N ALA A 90 1.39 -8.89 13.35
CA ALA A 90 2.38 -9.37 12.37
C ALA A 90 3.76 -9.56 13.02
N GLU A 91 4.13 -8.65 13.93
CA GLU A 91 5.37 -8.80 14.67
C GLU A 91 5.33 -10.07 15.53
N ALA A 92 4.19 -10.35 16.16
CA ALA A 92 4.06 -11.56 16.97
C ALA A 92 4.18 -12.81 16.12
N LEU A 93 3.55 -12.81 14.95
CA LEU A 93 3.61 -13.94 14.05
C LEU A 93 5.03 -14.24 13.63
N ASP A 94 5.77 -13.18 13.28
CA ASP A 94 7.15 -13.39 12.85
C ASP A 94 7.95 -14.05 13.96
N GLU A 95 7.76 -13.59 15.18
N GLU A 95 7.74 -13.59 15.19
CA GLU A 95 8.47 -14.14 16.34
CA GLU A 95 8.45 -14.11 16.35
C GLU A 95 8.13 -15.59 16.57
C GLU A 95 8.12 -15.56 16.61
N MET A 96 6.84 -15.90 16.55
CA MET A 96 6.38 -17.29 16.71
C MET A 96 7.05 -18.19 15.68
N LEU A 97 6.99 -17.77 14.43
CA LEU A 97 7.50 -18.61 13.35
C LEU A 97 8.99 -18.81 13.48
N GLU A 98 9.73 -17.78 13.81
CA GLU A 98 11.17 -17.86 13.95
C GLU A 98 11.60 -18.78 15.04
N LYS A 99 10.81 -18.84 16.09
CA LYS A 99 11.13 -19.78 17.17
C LYS A 99 11.01 -21.22 16.70
N LYS A 100 10.19 -21.42 15.65
CA LYS A 100 9.97 -22.74 15.08
C LYS A 100 10.80 -23.02 13.84
N GLY A 101 11.73 -22.13 13.52
CA GLY A 101 12.49 -22.18 12.29
C GLY A 101 11.65 -22.06 11.02
N LEU A 102 10.55 -21.30 11.09
CA LEU A 102 9.66 -21.11 9.98
C LEU A 102 9.61 -19.63 9.59
N LYS A 103 8.96 -19.32 8.47
CA LYS A 103 8.71 -17.96 8.12
C LYS A 103 7.50 -17.89 7.20
N VAL A 104 6.92 -16.70 7.07
CA VAL A 104 5.89 -16.49 6.06
C VAL A 104 6.57 -16.50 4.70
N ASP A 105 6.10 -17.35 3.80
CA ASP A 105 6.70 -17.45 2.48
C ASP A 105 6.14 -16.41 1.51
N HIS A 106 4.83 -16.24 1.52
CA HIS A 106 4.23 -15.21 0.68
C HIS A 106 3.04 -14.55 1.36
N VAL A 107 2.87 -13.24 1.12
CA VAL A 107 1.70 -12.50 1.58
C VAL A 107 0.98 -12.02 0.34
N LEU A 108 -0.24 -12.50 0.14
CA LEU A 108 -1.02 -12.18 -1.06
C LEU A 108 -1.97 -11.05 -0.66
N LEU A 109 -1.79 -9.91 -1.34
CA LEU A 109 -2.66 -8.74 -1.17
C LEU A 109 -3.79 -8.79 -2.19
N PHE A 110 -5.00 -8.86 -1.67
CA PHE A 110 -6.20 -8.92 -2.49
C PHE A 110 -6.68 -7.50 -2.75
N GLU A 111 -6.21 -6.90 -3.83
CA GLU A 111 -6.54 -5.51 -4.14
C GLU A 111 -7.91 -5.42 -4.81
N VAL A 112 -8.76 -4.56 -4.26
CA VAL A 112 -10.09 -4.32 -4.79
C VAL A 112 -10.59 -2.98 -4.29
N PRO A 113 -11.27 -2.21 -5.16
CA PRO A 113 -11.73 -0.88 -4.71
C PRO A 113 -12.90 -0.93 -3.71
N ASP A 114 -13.06 0.14 -2.92
CA ASP A 114 -14.19 0.24 -1.99
C ASP A 114 -15.57 -0.05 -2.56
N GLU A 115 -15.89 0.48 -3.75
CA GLU A 115 -17.23 0.31 -4.29
C GLU A 115 -17.52 -1.16 -4.52
N VAL A 116 -16.49 -1.89 -4.93
CA VAL A 116 -16.65 -3.31 -5.18
C VAL A 116 -16.82 -4.02 -3.83
N VAL A 117 -15.98 -3.67 -2.85
CA VAL A 117 -16.09 -4.22 -1.49
C VAL A 117 -17.48 -4.07 -0.95
N ILE A 118 -18.02 -2.88 -1.11
CA ILE A 118 -19.34 -2.61 -0.57
C ILE A 118 -20.41 -3.49 -1.24
N GLU A 119 -20.35 -3.70 -2.56
CA GLU A 119 -21.31 -4.61 -3.24
C GLU A 119 -21.14 -6.06 -2.79
N ARG A 120 -19.90 -6.49 -2.64
CA ARG A 120 -19.71 -7.87 -2.18
C ARG A 120 -20.21 -8.11 -0.79
N LEU A 121 -20.03 -7.13 0.06
CA LEU A 121 -20.36 -7.34 1.44
C LEU A 121 -21.87 -7.20 1.58
N SER A 122 -22.45 -6.23 0.88
N SER A 122 -22.48 -6.25 0.89
CA SER A 122 -23.88 -6.00 0.95
CA SER A 122 -23.92 -6.05 1.07
C SER A 122 -24.68 -7.23 0.55
C SER A 122 -24.74 -7.21 0.49
N GLY A 123 -24.16 -7.97 -0.43
CA GLY A 123 -24.85 -9.12 -0.98
C GLY A 123 -24.39 -10.46 -0.43
N ARG A 124 -23.47 -10.44 0.51
CA ARG A 124 -22.98 -11.67 1.12
C ARG A 124 -24.05 -12.30 1.99
N ARG A 125 -24.16 -13.62 1.93
CA ARG A 125 -25.05 -14.38 2.80
C ARG A 125 -24.31 -15.64 3.20
N ILE A 126 -24.56 -16.11 4.41
CA ILE A 126 -23.83 -17.28 4.91
C ILE A 126 -24.78 -18.34 5.42
N ASN A 127 -24.37 -19.60 5.25
CA ASN A 127 -25.00 -20.68 5.95
C ASN A 127 -24.48 -20.70 7.37
N PRO A 128 -25.30 -20.32 8.35
CA PRO A 128 -24.82 -20.21 9.73
C PRO A 128 -24.41 -21.53 10.38
N GLU A 129 -24.76 -22.64 9.76
CA GLU A 129 -24.39 -23.94 10.32
C GLU A 129 -23.05 -24.45 9.81
N THR A 130 -22.63 -23.98 8.64
CA THR A 130 -21.43 -24.50 8.01
C THR A 130 -20.39 -23.42 7.70
N GLY A 131 -20.82 -22.15 7.72
CA GLY A 131 -19.92 -21.08 7.41
C GLY A 131 -19.79 -20.86 5.92
N GLU A 132 -20.47 -21.69 5.12
CA GLU A 132 -20.35 -21.55 3.67
C GLU A 132 -20.90 -20.19 3.25
N VAL A 133 -20.19 -19.58 2.31
CA VAL A 133 -20.44 -18.21 1.91
C VAL A 133 -21.04 -18.16 0.51
N TYR A 134 -22.07 -17.33 0.36
CA TYR A 134 -22.74 -17.13 -0.91
C TYR A 134 -22.83 -15.64 -1.21
N HIS A 135 -23.33 -15.32 -2.42
CA HIS A 135 -23.60 -13.94 -2.79
C HIS A 135 -24.91 -13.87 -3.59
N VAL A 136 -25.81 -12.97 -3.18
CA VAL A 136 -27.13 -12.92 -3.83
C VAL A 136 -27.07 -12.74 -5.36
N LYS A 137 -26.05 -12.06 -5.85
CA LYS A 137 -25.87 -11.86 -7.29
C LYS A 137 -24.89 -12.83 -7.89
N TYR A 138 -23.69 -12.90 -7.33
CA TYR A 138 -22.61 -13.65 -7.96
C TYR A 138 -22.54 -15.16 -7.65
N ASN A 139 -23.22 -15.59 -6.58
CA ASN A 139 -23.23 -17.01 -6.22
C ASN A 139 -24.39 -17.33 -5.26
N PRO A 140 -25.61 -17.31 -5.77
CA PRO A 140 -26.74 -17.47 -4.85
C PRO A 140 -26.91 -18.88 -4.33
N PRO A 141 -27.40 -19.02 -3.09
CA PRO A 141 -27.54 -20.36 -2.53
C PRO A 141 -28.65 -21.14 -3.22
N PRO A 142 -28.49 -22.47 -3.31
CA PRO A 142 -29.52 -23.33 -3.90
C PRO A 142 -30.67 -23.57 -2.96
N PRO A 143 -31.76 -24.12 -3.49
CA PRO A 143 -32.91 -24.46 -2.65
C PRO A 143 -32.51 -25.40 -1.53
N GLY A 144 -33.11 -25.16 -0.39
CA GLY A 144 -32.89 -26.01 0.77
C GLY A 144 -31.77 -25.50 1.64
N VAL A 145 -30.99 -24.54 1.14
CA VAL A 145 -29.92 -24.00 1.97
C VAL A 145 -30.38 -22.72 2.64
N LYS A 146 -30.56 -22.75 3.96
CA LYS A 146 -30.94 -21.54 4.69
C LYS A 146 -29.72 -20.67 4.92
N VAL A 147 -29.82 -19.38 4.57
CA VAL A 147 -28.71 -18.46 4.75
C VAL A 147 -29.20 -17.23 5.52
N ILE A 148 -28.25 -16.49 6.07
CA ILE A 148 -28.54 -15.25 6.81
C ILE A 148 -27.55 -14.18 6.35
N GLN A 149 -27.86 -12.92 6.68
CA GLN A 149 -26.88 -11.87 6.52
C GLN A 149 -26.15 -11.65 7.87
N ARG A 150 -24.82 -11.68 7.83
CA ARG A 150 -24.01 -11.37 9.02
C ARG A 150 -24.39 -10.00 9.57
N GLU A 151 -24.38 -9.85 10.89
CA GLU A 151 -24.71 -8.56 11.46
C GLU A 151 -23.69 -7.50 11.06
N ASP A 152 -22.43 -7.91 10.87
CA ASP A 152 -21.40 -6.95 10.49
C ASP A 152 -21.42 -6.59 8.99
N ASP A 153 -22.32 -7.20 8.21
CA ASP A 153 -22.45 -6.88 6.79
C ASP A 153 -23.60 -5.88 6.53
N LYS A 154 -24.11 -5.26 7.58
CA LYS A 154 -24.97 -4.11 7.48
C LYS A 154 -24.26 -2.89 7.00
N PRO A 155 -25.02 -2.02 6.33
CA PRO A 155 -24.31 -0.89 5.71
C PRO A 155 -23.44 -0.05 6.63
N GLU A 156 -23.90 0.31 7.82
CA GLU A 156 -23.09 1.15 8.67
C GLU A 156 -21.87 0.42 9.19
N VAL A 157 -22.01 -0.89 9.41
CA VAL A 157 -20.89 -1.64 9.95
C VAL A 157 -19.84 -1.88 8.85
N ILE A 158 -20.28 -2.11 7.61
CA ILE A 158 -19.33 -2.19 6.51
C ILE A 158 -18.47 -0.93 6.42
N LYS A 159 -19.13 0.23 6.51
CA LYS A 159 -18.42 1.49 6.51
C LYS A 159 -17.33 1.53 7.58
N LYS A 160 -17.68 1.14 8.81
CA LYS A 160 -16.71 1.16 9.92
C LYS A 160 -15.57 0.17 9.63
N ARG A 161 -15.91 -1.02 9.11
CA ARG A 161 -14.89 -2.03 8.85
C ARG A 161 -13.87 -1.56 7.82
N LEU A 162 -14.33 -0.85 6.79
CA LEU A 162 -13.41 -0.31 5.80
C LEU A 162 -12.50 0.76 6.40
N GLU A 163 -13.06 1.59 7.29
CA GLU A 163 -12.27 2.58 8.01
C GLU A 163 -11.18 1.93 8.86
N VAL A 164 -11.62 0.93 9.59
CA VAL A 164 -10.70 0.16 10.45
C VAL A 164 -9.60 -0.50 9.62
N TYR A 165 -9.97 -1.09 8.49
CA TYR A 165 -9.00 -1.69 7.61
C TYR A 165 -7.97 -0.65 7.17
N ARG A 166 -8.44 0.49 6.71
CA ARG A 166 -7.49 1.49 6.22
C ARG A 166 -6.55 1.99 7.31
N GLU A 167 -7.07 2.21 8.51
CA GLU A 167 -6.26 2.74 9.60
C GLU A 167 -5.29 1.70 10.18
N GLN A 168 -5.80 0.50 10.42
CA GLN A 168 -5.04 -0.48 11.19
C GLN A 168 -4.38 -1.61 10.39
N THR A 169 -5.04 -2.03 9.32
CA THR A 169 -4.60 -3.19 8.57
C THR A 169 -3.77 -2.85 7.35
N ALA A 170 -4.17 -1.83 6.60
CA ALA A 170 -3.46 -1.44 5.39
C ALA A 170 -1.97 -1.16 5.59
N PRO A 171 -1.54 -0.73 6.79
CA PRO A 171 -0.10 -0.56 6.96
C PRO A 171 0.69 -1.84 6.81
N LEU A 172 0.01 -2.98 6.91
CA LEU A 172 0.68 -4.27 6.73
C LEU A 172 1.17 -4.44 5.31
N ILE A 173 0.58 -3.71 4.38
CA ILE A 173 1.03 -3.78 3.01
C ILE A 173 2.51 -3.38 2.97
N GLU A 174 2.84 -2.27 3.59
CA GLU A 174 4.22 -1.80 3.60
C GLU A 174 5.12 -2.70 4.49
N TYR A 175 4.59 -3.18 5.60
CA TYR A 175 5.32 -4.07 6.50
C TYR A 175 5.84 -5.28 5.71
N TYR A 176 4.97 -5.87 4.92
CA TYR A 176 5.35 -7.07 4.19
C TYR A 176 6.11 -6.78 2.89
N LYS A 177 5.79 -5.67 2.25
CA LYS A 177 6.56 -5.25 1.09
C LYS A 177 8.03 -5.15 1.45
N LYS A 178 8.31 -4.59 2.63
CA LYS A 178 9.68 -4.41 3.11
C LYS A 178 10.37 -5.68 3.61
N LYS A 179 9.61 -6.78 3.73
CA LYS A 179 10.20 -8.11 3.92
C LYS A 179 10.50 -8.82 2.59
N GLY A 180 10.06 -8.22 1.49
CA GLY A 180 10.23 -8.77 0.15
C GLY A 180 9.29 -9.90 -0.24
N ILE A 181 8.20 -10.07 0.49
CA ILE A 181 7.35 -11.25 0.32
C ILE A 181 5.93 -10.94 -0.12
N LEU A 182 5.66 -9.69 -0.47
CA LEU A 182 4.32 -9.33 -0.85
C LEU A 182 4.07 -9.64 -2.33
N ARG A 183 2.92 -10.22 -2.63
CA ARG A 183 2.51 -10.44 -4.00
C ARG A 183 1.12 -9.88 -4.21
N ILE A 184 0.93 -9.17 -5.30
CA ILE A 184 -0.31 -8.47 -5.54
C ILE A 184 -1.24 -9.23 -6.44
N ILE A 185 -2.49 -9.39 -6.02
CA ILE A 185 -3.47 -9.94 -6.97
C ILE A 185 -4.64 -8.97 -7.13
N ASP A 186 -5.25 -8.99 -8.30
CA ASP A 186 -6.41 -8.18 -8.58
C ASP A 186 -7.64 -8.98 -8.18
N ALA A 187 -8.14 -8.68 -6.99
CA ALA A 187 -9.25 -9.41 -6.43
C ALA A 187 -10.59 -8.87 -6.88
N SER A 188 -10.57 -7.86 -7.77
CA SER A 188 -11.81 -7.31 -8.33
C SER A 188 -12.36 -8.17 -9.48
N LYS A 189 -11.56 -9.11 -9.96
CA LYS A 189 -11.93 -9.95 -11.12
C LYS A 189 -12.89 -11.04 -10.62
N PRO A 190 -13.53 -11.78 -11.53
CA PRO A 190 -14.41 -12.86 -11.08
C PRO A 190 -13.63 -13.97 -10.38
N VAL A 191 -14.34 -14.82 -9.65
N VAL A 191 -14.35 -14.83 -9.68
CA VAL A 191 -13.70 -15.79 -8.76
CA VAL A 191 -13.76 -15.80 -8.77
C VAL A 191 -12.67 -16.67 -9.46
C VAL A 191 -12.69 -16.69 -9.41
N GLU A 192 -12.98 -17.15 -10.66
N GLU A 192 -12.93 -17.20 -10.62
CA GLU A 192 -12.09 -18.06 -11.36
CA GLU A 192 -11.96 -18.13 -11.22
C GLU A 192 -10.77 -17.40 -11.70
C GLU A 192 -10.71 -17.39 -11.69
N GLU A 193 -10.86 -16.13 -12.07
CA GLU A 193 -9.67 -15.36 -12.44
C GLU A 193 -8.83 -14.99 -11.23
N VAL A 194 -9.47 -14.72 -10.10
CA VAL A 194 -8.73 -14.47 -8.89
C VAL A 194 -7.96 -15.73 -8.51
N TYR A 195 -8.63 -16.89 -8.64
CA TYR A 195 -8.00 -18.15 -8.23
C TYR A 195 -6.80 -18.45 -9.13
N ARG A 196 -6.93 -18.23 -10.45
CA ARG A 196 -5.76 -18.34 -11.31
C ARG A 196 -4.57 -17.51 -10.81
N GLN A 197 -4.84 -16.29 -10.34
CA GLN A 197 -3.77 -15.44 -9.89
C GLN A 197 -3.14 -15.93 -8.59
N VAL A 198 -3.95 -16.47 -7.71
CA VAL A 198 -3.46 -17.12 -6.51
C VAL A 198 -2.54 -18.29 -6.86
N LEU A 199 -2.96 -19.13 -7.80
CA LEU A 199 -2.15 -20.29 -8.14
C LEU A 199 -0.80 -19.84 -8.72
N GLU A 200 -0.76 -18.71 -9.38
CA GLU A 200 0.42 -18.22 -10.04
C GLU A 200 1.45 -17.83 -9.02
N VAL A 201 0.97 -17.25 -7.94
CA VAL A 201 1.89 -16.87 -6.87
C VAL A 201 2.52 -18.04 -6.20
N ILE A 202 1.70 -19.00 -5.84
CA ILE A 202 2.21 -20.01 -4.95
C ILE A 202 3.01 -20.99 -5.79
N GLY A 203 2.92 -20.82 -7.11
CA GLY A 203 3.74 -21.54 -8.06
C GLY A 203 4.78 -20.61 -8.66
N MET B 1 15.71 -4.34 -6.90
CA MET B 1 15.85 -3.26 -7.93
C MET B 1 15.61 -1.91 -7.25
N ILE B 2 16.50 -0.95 -7.52
CA ILE B 2 16.35 0.41 -6.98
C ILE B 2 16.27 1.38 -8.17
N LEU B 3 15.22 2.19 -8.16
CA LEU B 3 14.96 3.20 -9.18
C LEU B 3 15.01 4.59 -8.58
N VAL B 4 15.44 5.55 -9.40
CA VAL B 4 15.34 6.99 -9.05
C VAL B 4 14.54 7.64 -10.15
N PHE B 5 13.52 8.40 -9.76
CA PHE B 5 12.78 9.20 -10.71
C PHE B 5 13.28 10.67 -10.59
N LEU B 6 13.68 11.24 -11.73
CA LEU B 6 14.36 12.51 -11.77
C LEU B 6 13.61 13.38 -12.75
N GLY B 7 13.43 14.65 -12.41
CA GLY B 7 12.87 15.58 -13.37
C GLY B 7 12.25 16.78 -12.70
N PRO B 8 11.83 17.77 -13.50
CA PRO B 8 11.31 18.98 -12.87
C PRO B 8 10.07 18.74 -12.03
N PRO B 9 9.81 19.66 -11.09
CA PRO B 9 8.55 19.57 -10.37
C PRO B 9 7.38 19.54 -11.33
N GLY B 10 6.38 18.71 -11.04
CA GLY B 10 5.20 18.62 -11.87
C GLY B 10 5.31 17.72 -13.08
N ALA B 11 6.43 17.03 -13.22
CA ALA B 11 6.65 16.17 -14.40
C ALA B 11 5.80 14.92 -14.40
N GLY B 12 5.31 14.54 -13.22
CA GLY B 12 4.47 13.39 -13.02
C GLY B 12 5.12 12.23 -12.29
N LYS B 13 6.21 12.52 -11.57
CA LYS B 13 6.98 11.49 -10.90
C LYS B 13 6.18 10.77 -9.81
N GLY B 14 5.47 11.54 -8.99
CA GLY B 14 4.68 10.97 -7.91
C GLY B 14 3.57 10.10 -8.46
N THR B 15 2.97 10.55 -9.54
CA THR B 15 1.86 9.83 -10.14
C THR B 15 2.31 8.47 -10.66
N GLN B 16 3.45 8.43 -11.31
CA GLN B 16 3.97 7.15 -11.82
C GLN B 16 4.46 6.27 -10.68
N ALA B 17 5.11 6.88 -9.70
CA ALA B 17 5.65 6.10 -8.57
C ALA B 17 4.53 5.45 -7.76
N LYS B 18 3.46 6.20 -7.50
N LYS B 18 3.46 6.22 -7.49
CA LYS B 18 2.33 5.61 -6.78
CA LYS B 18 2.32 5.65 -6.79
C LYS B 18 1.71 4.44 -7.54
C LYS B 18 1.73 4.44 -7.54
N ARG B 19 1.63 4.56 -8.86
CA ARG B 19 1.05 3.48 -9.65
C ARG B 19 1.93 2.23 -9.64
N LEU B 20 3.23 2.42 -9.78
CA LEU B 20 4.17 1.30 -9.83
C LEU B 20 4.18 0.64 -8.45
N ALA B 21 4.08 1.41 -7.38
CA ALA B 21 4.04 0.84 -6.05
C ALA B 21 2.78 -0.01 -5.88
N LYS B 22 1.65 0.53 -6.35
CA LYS B 22 0.37 -0.12 -6.13
C LYS B 22 0.24 -1.41 -6.96
N GLU B 23 0.77 -1.37 -8.18
CA GLU B 23 0.55 -2.47 -9.10
C GLU B 23 1.64 -3.52 -9.10
N LYS B 24 2.88 -3.09 -8.83
CA LYS B 24 4.04 -3.97 -8.95
C LYS B 24 4.74 -4.16 -7.62
N GLY B 25 4.25 -3.51 -6.56
CA GLY B 25 4.74 -3.80 -5.23
C GLY B 25 6.04 -3.14 -4.77
N PHE B 26 6.45 -2.11 -5.49
CA PHE B 26 7.66 -1.37 -5.13
C PHE B 26 7.36 -0.59 -3.86
N VAL B 27 8.40 -0.38 -3.06
CA VAL B 27 8.35 0.55 -1.93
C VAL B 27 8.63 1.95 -2.45
N HIS B 28 7.67 2.84 -2.23
CA HIS B 28 7.71 4.21 -2.73
C HIS B 28 8.23 5.11 -1.64
N ILE B 29 9.41 5.68 -1.88
CA ILE B 29 9.99 6.66 -0.96
C ILE B 29 9.83 8.07 -1.62
N SER B 30 8.80 8.81 -1.16
CA SER B 30 8.55 10.17 -1.60
C SER B 30 9.00 11.09 -0.50
N THR B 31 10.14 11.75 -0.66
CA THR B 31 10.62 12.65 0.36
C THR B 31 9.62 13.78 0.59
N GLY B 32 8.94 14.25 -0.46
CA GLY B 32 7.93 15.28 -0.27
C GLY B 32 6.76 14.79 0.59
N ASP B 33 6.25 13.58 0.34
CA ASP B 33 5.14 13.07 1.13
C ASP B 33 5.57 12.89 2.59
N ILE B 34 6.77 12.38 2.79
CA ILE B 34 7.26 12.08 4.13
C ILE B 34 7.45 13.39 4.90
N LEU B 35 8.04 14.36 4.22
CA LEU B 35 8.24 15.69 4.82
C LEU B 35 6.90 16.36 5.14
N ARG B 36 5.96 16.30 4.21
CA ARG B 36 4.66 16.91 4.46
C ARG B 36 4.00 16.27 5.68
N GLU B 37 4.19 14.96 5.84
N GLU B 37 4.21 14.96 5.84
CA GLU B 37 3.66 14.26 7.00
CA GLU B 37 3.68 14.23 7.00
C GLU B 37 4.36 14.80 8.26
C GLU B 37 4.38 14.68 8.29
N ALA B 38 5.68 14.93 8.21
CA ALA B 38 6.45 15.43 9.36
C ALA B 38 5.97 16.81 9.77
N VAL B 39 5.68 17.66 8.80
CA VAL B 39 5.20 19.00 9.10
C VAL B 39 3.86 18.95 9.79
N GLN B 40 2.97 18.12 9.26
CA GLN B 40 1.63 18.00 9.83
C GLN B 40 1.71 17.47 11.26
N LYS B 41 2.61 16.54 11.52
CA LYS B 41 2.73 15.96 12.82
C LYS B 41 3.57 16.80 13.81
N GLY B 42 4.24 17.81 13.32
CA GLY B 42 4.99 18.71 14.18
C GLY B 42 6.24 18.12 14.83
N THR B 43 6.87 17.17 14.15
CA THR B 43 8.13 16.63 14.61
C THR B 43 9.25 17.65 14.50
N PRO B 44 10.41 17.38 15.13
CA PRO B 44 11.53 18.30 14.95
C PRO B 44 11.93 18.49 13.50
N LEU B 45 11.90 17.41 12.71
CA LEU B 45 12.11 17.54 11.27
C LEU B 45 11.08 18.48 10.63
N GLY B 46 9.81 18.25 10.93
CA GLY B 46 8.74 18.99 10.33
C GLY B 46 8.88 20.49 10.60
N LYS B 47 9.18 20.83 11.85
N LYS B 47 9.16 20.84 11.85
CA LYS B 47 9.25 22.23 12.22
CA LYS B 47 9.25 22.24 12.23
C LYS B 47 10.39 22.92 11.48
C LYS B 47 10.40 22.92 11.50
N LYS B 48 11.50 22.20 11.30
CA LYS B 48 12.66 22.74 10.61
C LYS B 48 12.44 22.82 9.09
N ALA B 49 11.82 21.79 8.52
CA ALA B 49 11.62 21.70 7.06
C ALA B 49 10.57 22.69 6.53
N LYS B 50 9.59 23.03 7.35
CA LYS B 50 8.41 23.79 6.92
C LYS B 50 8.81 25.09 6.21
N GLU B 51 9.73 25.82 6.83
N GLU B 51 9.74 25.83 6.81
CA GLU B 51 10.16 27.12 6.32
CA GLU B 51 10.07 27.15 6.27
C GLU B 51 10.72 27.02 4.91
C GLU B 51 10.84 27.08 4.93
N TYR B 52 11.51 25.98 4.66
CA TYR B 52 12.10 25.74 3.35
C TYR B 52 11.03 25.36 2.32
N MET B 53 10.22 24.39 2.70
CA MET B 53 9.23 23.84 1.81
C MET B 53 8.25 24.89 1.34
N GLU B 54 7.75 25.71 2.26
CA GLU B 54 6.74 26.72 1.92
C GLU B 54 7.30 27.81 1.03
N ARG B 55 8.63 27.89 0.94
CA ARG B 55 9.27 28.88 0.09
C ARG B 55 9.77 28.32 -1.24
N GLY B 56 9.70 27.02 -1.36
CA GLY B 56 10.19 26.32 -2.55
C GLY B 56 11.67 26.02 -2.54
N GLU B 57 12.31 26.15 -1.38
N GLU B 57 12.28 26.14 -1.36
CA GLU B 57 13.73 25.87 -1.25
CA GLU B 57 13.72 25.90 -1.19
C GLU B 57 13.90 24.42 -0.81
C GLU B 57 13.92 24.45 -0.76
N LEU B 58 15.09 23.88 -1.02
CA LEU B 58 15.40 22.52 -0.56
C LEU B 58 15.64 22.51 0.96
N VAL B 59 15.12 21.48 1.61
CA VAL B 59 15.45 21.20 3.01
C VAL B 59 16.92 20.83 3.07
N PRO B 60 17.62 21.23 4.14
CA PRO B 60 19.07 20.97 4.19
C PRO B 60 19.44 19.50 4.03
N ASP B 61 20.56 19.28 3.35
CA ASP B 61 21.00 17.93 2.98
C ASP B 61 21.12 16.98 4.19
N ASP B 62 21.65 17.46 5.31
CA ASP B 62 21.90 16.56 6.45
C ASP B 62 20.59 15.95 6.92
N LEU B 63 19.53 16.73 6.88
CA LEU B 63 18.27 16.25 7.43
C LEU B 63 17.66 15.20 6.48
N ILE B 64 17.74 15.46 5.18
CA ILE B 64 17.22 14.56 4.19
C ILE B 64 17.97 13.22 4.12
N ILE B 65 19.29 13.27 4.19
CA ILE B 65 20.11 12.05 4.19
C ILE B 65 19.76 11.20 5.41
N ALA B 66 19.57 11.82 6.57
CA ALA B 66 19.13 11.11 7.75
C ALA B 66 17.75 10.47 7.55
N LEU B 67 16.84 11.22 6.95
CA LEU B 67 15.51 10.71 6.69
C LEU B 67 15.56 9.46 5.80
N ILE B 68 16.36 9.52 4.75
CA ILE B 68 16.50 8.38 3.85
C ILE B 68 17.08 7.15 4.58
N GLU B 69 18.08 7.36 5.43
CA GLU B 69 18.63 6.26 6.22
C GLU B 69 17.57 5.65 7.12
N GLU B 70 16.69 6.49 7.63
CA GLU B 70 15.64 6.05 8.53
C GLU B 70 14.61 5.19 7.82
N VAL B 71 14.23 5.56 6.60
CA VAL B 71 13.11 4.90 5.94
C VAL B 71 13.49 3.82 4.92
N PHE B 72 14.76 3.76 4.51
CA PHE B 72 15.16 2.80 3.50
C PHE B 72 14.95 1.37 4.03
N PRO B 73 14.26 0.53 3.24
CA PRO B 73 13.84 -0.79 3.72
C PRO B 73 14.90 -1.88 3.64
N LYS B 74 14.77 -2.86 4.52
CA LYS B 74 15.71 -3.98 4.58
C LYS B 74 15.64 -4.84 3.33
N HIS B 75 14.44 -4.93 2.75
CA HIS B 75 14.17 -5.74 1.56
C HIS B 75 13.16 -5.03 0.68
N GLY B 76 12.93 -5.58 -0.51
CA GLY B 76 11.99 -5.03 -1.47
C GLY B 76 12.65 -4.18 -2.51
N ASN B 77 11.91 -3.91 -3.57
CA ASN B 77 12.32 -2.99 -4.61
C ASN B 77 11.88 -1.58 -4.26
N VAL B 78 12.70 -0.60 -4.61
CA VAL B 78 12.51 0.76 -4.11
C VAL B 78 12.42 1.74 -5.26
N ILE B 79 11.50 2.71 -5.11
CA ILE B 79 11.48 3.90 -5.97
C ILE B 79 11.78 5.13 -5.12
N PHE B 80 12.91 5.77 -5.39
CA PHE B 80 13.23 7.07 -4.85
C PHE B 80 12.59 8.15 -5.73
N ASP B 81 11.70 8.91 -5.11
CA ASP B 81 10.83 9.86 -5.82
C ASP B 81 10.96 11.22 -5.10
N GLY B 82 11.85 12.07 -5.60
CA GLY B 82 12.12 13.34 -4.96
C GLY B 82 13.48 13.37 -4.32
N PHE B 83 14.19 12.23 -4.39
CA PHE B 83 15.52 12.10 -3.83
C PHE B 83 16.33 11.26 -4.77
N PRO B 84 17.62 11.61 -5.00
CA PRO B 84 18.36 12.80 -4.56
C PRO B 84 17.93 14.03 -5.32
N ARG B 85 18.17 15.19 -4.71
CA ARG B 85 17.87 16.47 -5.35
C ARG B 85 19.10 17.34 -5.54
N THR B 86 20.23 16.90 -5.00
CA THR B 86 21.49 17.61 -5.11
C THR B 86 22.60 16.59 -5.33
N VAL B 87 23.74 17.05 -5.80
CA VAL B 87 24.89 16.16 -5.98
C VAL B 87 25.36 15.54 -4.67
N LYS B 88 25.40 16.33 -3.59
CA LYS B 88 25.79 15.76 -2.32
C LYS B 88 24.84 14.65 -1.88
N GLN B 89 23.54 14.82 -2.13
CA GLN B 89 22.58 13.79 -1.77
C GLN B 89 22.84 12.54 -2.63
N ALA B 90 23.14 12.73 -3.91
CA ALA B 90 23.48 11.59 -4.78
C ALA B 90 24.71 10.80 -4.34
N GLU B 91 25.74 11.53 -3.93
CA GLU B 91 26.95 10.92 -3.41
C GLU B 91 26.62 10.15 -2.13
N ALA B 92 25.85 10.76 -1.25
CA ALA B 92 25.46 10.10 -0.02
C ALA B 92 24.68 8.82 -0.28
N LEU B 93 23.78 8.89 -1.25
CA LEU B 93 22.98 7.74 -1.61
C LEU B 93 23.87 6.59 -2.10
N ASP B 94 24.81 6.88 -3.01
CA ASP B 94 25.69 5.80 -3.48
C ASP B 94 26.44 5.17 -2.29
N GLU B 95 26.90 5.93 -1.35
CA GLU B 95 27.63 5.44 -0.18
C GLU B 95 26.77 4.59 0.72
N MET B 96 25.56 5.04 0.94
CA MET B 96 24.61 4.31 1.76
C MET B 96 24.33 2.97 1.14
N LEU B 97 24.08 2.99 -0.15
CA LEU B 97 23.71 1.76 -0.85
C LEU B 97 24.87 0.78 -0.91
N GLU B 98 26.08 1.27 -1.15
CA GLU B 98 27.24 0.39 -1.22
C GLU B 98 27.37 -0.43 0.06
N LYS B 99 27.19 0.25 1.19
CA LYS B 99 27.33 -0.42 2.47
C LYS B 99 26.22 -1.42 2.73
N LYS B 100 25.13 -1.29 2.02
CA LYS B 100 23.99 -2.19 2.09
C LYS B 100 24.00 -3.26 0.96
N GLY B 101 25.08 -3.31 0.19
CA GLY B 101 25.22 -4.32 -0.85
C GLY B 101 24.25 -4.08 -1.99
N LEU B 102 24.07 -2.80 -2.30
CA LEU B 102 23.11 -2.36 -3.30
C LEU B 102 23.65 -1.24 -4.18
N LYS B 103 22.94 -0.97 -5.26
CA LYS B 103 23.25 0.19 -6.11
C LYS B 103 21.96 0.71 -6.74
N VAL B 104 21.99 1.96 -7.21
CA VAL B 104 20.91 2.46 -8.06
C VAL B 104 20.99 1.68 -9.39
N ASP B 105 19.90 1.04 -9.79
CA ASP B 105 19.88 0.24 -11.01
C ASP B 105 19.46 1.08 -12.22
N HIS B 106 18.46 1.94 -12.05
CA HIS B 106 17.97 2.76 -13.14
C HIS B 106 17.58 4.15 -12.65
N VAL B 107 17.89 5.16 -13.46
CA VAL B 107 17.42 6.52 -13.22
C VAL B 107 16.58 6.93 -14.42
N LEU B 108 15.33 7.23 -14.13
CA LEU B 108 14.39 7.63 -15.18
C LEU B 108 14.25 9.14 -15.16
N LEU B 109 14.61 9.77 -16.28
CA LEU B 109 14.51 11.22 -16.39
C LEU B 109 13.21 11.53 -17.10
N PHE B 110 12.35 12.28 -16.41
CA PHE B 110 11.05 12.66 -16.93
C PHE B 110 11.23 13.91 -17.75
N GLU B 111 11.25 13.74 -19.07
CA GLU B 111 11.49 14.85 -19.99
C GLU B 111 10.15 15.43 -20.47
N VAL B 112 9.96 16.74 -20.24
CA VAL B 112 8.69 17.40 -20.51
C VAL B 112 8.90 18.92 -20.48
N PRO B 113 8.26 19.66 -21.42
CA PRO B 113 8.52 21.10 -21.48
C PRO B 113 8.07 21.84 -20.24
N ASP B 114 8.76 22.92 -19.95
CA ASP B 114 8.43 23.76 -18.79
C ASP B 114 6.98 24.23 -18.84
N GLU B 115 6.49 24.57 -20.04
CA GLU B 115 5.14 25.05 -20.18
C GLU B 115 4.13 24.03 -19.65
N VAL B 116 4.38 22.74 -19.93
CA VAL B 116 3.51 21.66 -19.48
C VAL B 116 3.62 21.45 -17.96
N VAL B 117 4.83 21.43 -17.42
CA VAL B 117 4.92 21.20 -15.97
C VAL B 117 4.34 22.36 -15.19
N ILE B 118 4.44 23.59 -15.70
CA ILE B 118 3.87 24.72 -14.96
C ILE B 118 2.34 24.62 -14.95
N GLU B 119 1.73 24.21 -16.06
CA GLU B 119 0.28 24.00 -16.09
C GLU B 119 -0.11 22.86 -15.13
N ARG B 120 0.72 21.82 -15.08
CA ARG B 120 0.47 20.68 -14.16
C ARG B 120 0.54 21.13 -12.71
N LEU B 121 1.59 21.87 -12.34
CA LEU B 121 1.71 22.40 -10.98
C LEU B 121 0.54 23.31 -10.59
N SER B 122 0.18 24.21 -11.51
N SER B 122 0.17 24.22 -11.49
N SER B 122 0.18 24.22 -11.50
CA SER B 122 -0.85 25.22 -11.25
CA SER B 122 -0.86 25.22 -11.18
CA SER B 122 -0.86 25.21 -11.20
C SER B 122 -2.23 24.61 -11.03
C SER B 122 -2.22 24.57 -10.96
C SER B 122 -2.21 24.57 -10.94
N GLY B 123 -2.46 23.44 -11.60
CA GLY B 123 -3.75 22.77 -11.47
C GLY B 123 -3.79 21.59 -10.52
N ARG B 124 -2.68 21.31 -9.86
CA ARG B 124 -2.60 20.19 -8.93
C ARG B 124 -3.43 20.42 -7.69
N ARG B 125 -4.20 19.40 -7.28
CA ARG B 125 -4.97 19.46 -6.05
C ARG B 125 -4.92 18.11 -5.35
N ILE B 126 -5.07 18.14 -4.02
CA ILE B 126 -4.99 16.91 -3.26
C ILE B 126 -6.24 16.76 -2.41
N ASN B 127 -6.80 15.56 -2.37
CA ASN B 127 -7.84 15.26 -1.39
C ASN B 127 -7.17 15.02 -0.04
N PRO B 128 -7.36 15.91 0.93
CA PRO B 128 -6.61 15.76 2.18
C PRO B 128 -7.03 14.54 3.03
N GLU B 129 -8.18 13.96 2.72
CA GLU B 129 -8.68 12.83 3.52
C GLU B 129 -8.03 11.52 3.08
N THR B 130 -7.69 11.42 1.80
CA THR B 130 -7.20 10.17 1.21
C THR B 130 -5.82 10.25 0.57
N GLY B 131 -5.33 11.46 0.40
CA GLY B 131 -4.05 11.71 -0.27
C GLY B 131 -4.08 11.67 -1.79
N GLU B 132 -5.24 11.38 -2.37
CA GLU B 132 -5.35 11.28 -3.82
C GLU B 132 -5.05 12.61 -4.49
N VAL B 133 -4.29 12.56 -5.57
CA VAL B 133 -3.84 13.72 -6.31
C VAL B 133 -4.65 13.83 -7.57
N TYR B 134 -5.14 15.05 -7.80
CA TYR B 134 -5.96 15.37 -8.95
C TYR B 134 -5.34 16.51 -9.72
N HIS B 135 -5.93 16.81 -10.87
CA HIS B 135 -5.58 17.99 -11.64
C HIS B 135 -6.84 18.63 -12.22
N VAL B 136 -7.00 19.94 -12.06
CA VAL B 136 -8.28 20.57 -12.42
C VAL B 136 -8.68 20.41 -13.92
N LYS B 137 -7.71 20.18 -14.80
N LYS B 137 -7.71 20.17 -14.79
CA LYS B 137 -7.99 19.86 -16.20
CA LYS B 137 -7.99 19.86 -16.20
C LYS B 137 -7.82 18.37 -16.53
C LYS B 137 -7.79 18.39 -16.59
N TYR B 138 -6.66 17.81 -16.20
CA TYR B 138 -6.32 16.46 -16.68
C TYR B 138 -6.95 15.31 -15.91
N ASN B 139 -7.39 15.57 -14.67
CA ASN B 139 -7.97 14.52 -13.79
C ASN B 139 -8.69 15.17 -12.65
N PRO B 140 -9.86 15.77 -12.93
CA PRO B 140 -10.48 16.64 -11.92
C PRO B 140 -11.13 15.89 -10.76
N PRO B 141 -11.13 16.51 -9.58
CA PRO B 141 -11.83 15.86 -8.48
C PRO B 141 -13.29 15.78 -8.80
N PRO B 142 -13.96 14.73 -8.35
CA PRO B 142 -15.40 14.63 -8.62
C PRO B 142 -16.17 15.77 -7.99
N PRO B 143 -17.37 16.07 -8.53
CA PRO B 143 -18.26 16.99 -7.84
C PRO B 143 -18.41 16.63 -6.35
N GLY B 144 -18.26 17.64 -5.49
CA GLY B 144 -18.45 17.47 -4.06
C GLY B 144 -17.23 17.03 -3.27
N VAL B 145 -16.16 16.65 -3.95
CA VAL B 145 -14.98 16.19 -3.22
C VAL B 145 -14.13 17.40 -2.91
N LYS B 146 -13.92 17.66 -1.62
CA LYS B 146 -13.13 18.81 -1.21
C LYS B 146 -11.66 18.51 -1.42
N VAL B 147 -10.97 19.47 -2.02
CA VAL B 147 -9.52 19.38 -2.21
C VAL B 147 -8.80 20.62 -1.73
N ILE B 148 -7.49 20.46 -1.54
CA ILE B 148 -6.60 21.55 -1.18
C ILE B 148 -5.48 21.71 -2.18
N GLN B 149 -4.83 22.86 -2.06
CA GLN B 149 -3.67 23.20 -2.86
C GLN B 149 -2.48 23.25 -1.95
N ARG B 150 -1.42 22.56 -2.33
CA ARG B 150 -0.16 22.63 -1.62
C ARG B 150 0.32 24.09 -1.52
N GLU B 151 0.92 24.43 -0.39
CA GLU B 151 1.46 25.76 -0.20
C GLU B 151 2.49 26.10 -1.27
N ASP B 152 3.20 25.10 -1.77
CA ASP B 152 4.30 25.37 -2.69
C ASP B 152 3.85 25.41 -4.16
N ASP B 153 2.57 25.16 -4.40
CA ASP B 153 2.00 25.21 -5.77
C ASP B 153 1.39 26.60 -6.11
N LYS B 154 1.85 27.62 -5.43
CA LYS B 154 1.34 28.96 -5.64
C LYS B 154 2.35 29.74 -6.46
N PRO B 155 1.94 30.86 -7.05
CA PRO B 155 2.76 31.47 -8.13
C PRO B 155 4.24 31.71 -7.84
N GLU B 156 4.57 32.41 -6.76
CA GLU B 156 5.95 32.75 -6.49
C GLU B 156 6.77 31.54 -6.09
N VAL B 157 6.09 30.52 -5.57
CA VAL B 157 6.80 29.32 -5.11
C VAL B 157 7.08 28.40 -6.29
N ILE B 158 6.16 28.31 -7.25
CA ILE B 158 6.43 27.57 -8.48
C ILE B 158 7.67 28.16 -9.15
N LYS B 159 7.72 29.48 -9.24
CA LYS B 159 8.89 30.14 -9.84
C LYS B 159 10.19 29.71 -9.15
N LYS B 160 10.20 29.77 -7.83
CA LYS B 160 11.41 29.38 -7.07
C LYS B 160 11.80 27.93 -7.26
N ARG B 161 10.81 27.04 -7.19
N ARG B 161 10.82 27.03 -7.19
CA ARG B 161 11.07 25.61 -7.30
CA ARG B 161 11.11 25.62 -7.32
C ARG B 161 11.69 25.27 -8.66
C ARG B 161 11.77 25.33 -8.65
N LEU B 162 11.30 25.98 -9.71
CA LEU B 162 11.89 25.72 -11.02
C LEU B 162 13.34 26.26 -11.10
N GLU B 163 13.62 27.37 -10.43
CA GLU B 163 14.95 27.94 -10.43
C GLU B 163 15.87 26.96 -9.67
N VAL B 164 15.37 26.46 -8.54
CA VAL B 164 16.11 25.54 -7.69
C VAL B 164 16.39 24.23 -8.42
N TYR B 165 15.39 23.72 -9.15
CA TYR B 165 15.57 22.53 -9.97
C TYR B 165 16.69 22.73 -10.98
N ARG B 166 16.62 23.82 -11.74
CA ARG B 166 17.62 24.08 -12.77
C ARG B 166 19.03 24.20 -12.21
N GLU B 167 19.15 24.83 -11.05
CA GLU B 167 20.46 25.09 -10.46
C GLU B 167 21.02 23.88 -9.72
N GLN B 168 20.22 23.29 -8.85
CA GLN B 168 20.72 22.28 -7.92
C GLN B 168 20.46 20.83 -8.34
N THR B 169 19.37 20.59 -9.08
CA THR B 169 18.93 19.20 -9.35
C THR B 169 19.30 18.74 -10.73
N ALA B 170 19.23 19.62 -11.72
CA ALA B 170 19.53 19.26 -13.07
C ALA B 170 20.95 18.70 -13.28
N PRO B 171 21.93 19.12 -12.45
CA PRO B 171 23.24 18.49 -12.62
C PRO B 171 23.27 16.96 -12.41
N LEU B 172 22.22 16.42 -11.81
CA LEU B 172 22.15 14.99 -11.57
C LEU B 172 21.96 14.27 -12.89
N ILE B 173 21.51 14.97 -13.91
CA ILE B 173 21.32 14.32 -15.21
C ILE B 173 22.65 13.83 -15.75
N GLU B 174 23.66 14.72 -15.80
CA GLU B 174 24.98 14.28 -16.20
C GLU B 174 25.60 13.29 -15.20
N TYR B 175 25.35 13.49 -13.92
CA TYR B 175 25.90 12.61 -12.91
C TYR B 175 25.55 11.16 -13.23
N TYR B 176 24.29 10.92 -13.55
CA TYR B 176 23.86 9.57 -13.86
C TYR B 176 24.09 9.13 -15.29
N LYS B 177 24.11 10.06 -16.25
CA LYS B 177 24.43 9.67 -17.62
C LYS B 177 25.86 9.13 -17.70
N LYS B 178 26.75 9.69 -16.91
CA LYS B 178 28.13 9.22 -16.94
C LYS B 178 28.21 7.72 -16.63
N LYS B 179 27.33 7.29 -15.73
CA LYS B 179 27.25 5.88 -15.28
C LYS B 179 26.53 4.93 -16.25
N GLY B 180 25.81 5.51 -17.20
CA GLY B 180 25.11 4.72 -18.18
C GLY B 180 23.78 4.19 -17.68
N ILE B 181 23.27 4.69 -16.56
CA ILE B 181 22.03 4.14 -15.99
C ILE B 181 20.82 5.04 -16.14
N LEU B 182 21.01 6.17 -16.81
CA LEU B 182 19.90 7.09 -17.04
C LEU B 182 19.19 6.81 -18.37
N ARG B 183 17.87 6.73 -18.29
CA ARG B 183 17.02 6.57 -19.45
C ARG B 183 16.03 7.70 -19.45
N ILE B 184 15.86 8.29 -20.62
CA ILE B 184 14.89 9.36 -20.80
C ILE B 184 13.53 8.78 -21.13
N ILE B 185 12.50 9.24 -20.47
CA ILE B 185 11.15 8.96 -20.83
C ILE B 185 10.40 10.24 -21.17
N ASP B 186 9.51 10.13 -22.15
CA ASP B 186 8.70 11.27 -22.57
C ASP B 186 7.52 11.44 -21.63
N ALA B 187 7.68 12.35 -20.67
CA ALA B 187 6.70 12.56 -19.61
C ALA B 187 5.60 13.53 -20.00
N SER B 188 5.63 13.97 -21.25
CA SER B 188 4.62 14.88 -21.78
C SER B 188 3.35 14.15 -22.17
N LYS B 189 3.43 12.82 -22.29
CA LYS B 189 2.30 12.04 -22.74
C LYS B 189 1.30 11.80 -21.62
N PRO B 190 0.13 11.26 -21.96
CA PRO B 190 -0.84 10.94 -20.91
C PRO B 190 -0.32 9.87 -19.94
N VAL B 191 -0.92 9.82 -18.76
CA VAL B 191 -0.41 8.97 -17.69
C VAL B 191 -0.21 7.53 -18.12
N GLU B 192 -1.16 6.97 -18.88
CA GLU B 192 -1.09 5.57 -19.29
C GLU B 192 0.12 5.30 -20.17
N GLU B 193 0.44 6.25 -21.06
N GLU B 193 0.39 6.23 -21.08
CA GLU B 193 1.55 6.07 -21.99
CA GLU B 193 1.50 6.09 -21.99
C GLU B 193 2.90 6.38 -21.38
C GLU B 193 2.82 6.19 -21.23
N VAL B 194 2.90 7.12 -20.28
CA VAL B 194 4.13 7.30 -19.52
C VAL B 194 4.41 6.03 -18.71
N TYR B 195 3.37 5.46 -18.13
CA TYR B 195 3.50 4.24 -17.36
C TYR B 195 4.03 3.10 -18.22
N ARG B 196 3.57 2.98 -19.46
CA ARG B 196 4.09 1.89 -20.32
C ARG B 196 5.59 2.04 -20.58
N GLN B 197 6.04 3.28 -20.73
CA GLN B 197 7.47 3.55 -20.93
C GLN B 197 8.24 3.19 -19.68
N VAL B 198 7.70 3.53 -18.51
CA VAL B 198 8.35 3.20 -17.24
C VAL B 198 8.55 1.69 -17.15
N LEU B 199 7.50 0.95 -17.45
CA LEU B 199 7.59 -0.50 -17.37
C LEU B 199 8.62 -1.09 -18.31
N GLU B 200 8.78 -0.48 -19.48
CA GLU B 200 9.77 -0.93 -20.47
C GLU B 200 11.20 -0.83 -19.95
N VAL B 201 11.52 0.31 -19.39
CA VAL B 201 12.83 0.61 -18.84
C VAL B 201 13.27 -0.33 -17.77
N ILE B 202 12.34 -0.74 -16.97
CA ILE B 202 12.72 -1.48 -15.78
C ILE B 202 12.60 -2.97 -16.03
N GLY B 203 12.58 -3.36 -17.30
CA GLY B 203 12.55 -4.76 -17.65
C GLY B 203 11.30 -5.42 -17.08
#